data_2ZSL
#
_entry.id   2ZSL
#
_cell.length_a   61.006
_cell.length_b   101.842
_cell.length_c   148.346
_cell.angle_alpha   90.00
_cell.angle_beta   90.00
_cell.angle_gamma   90.00
#
_symmetry.space_group_name_H-M   'C 2 2 21'
#
loop_
_entity.id
_entity.type
_entity.pdbx_description
1 polymer 'Glutamate-1-semialdehyde 2,1-aminomutase'
2 non-polymer "4'-DEOXY-4'-AMINOPYRIDOXAL-5'-PHOSPHATE"
3 water water
#
_entity_poly.entity_id   1
_entity_poly.type   'polypeptide(L)'
_entity_poly.pdbx_seq_one_letter_code
;GHMDVLASGEKSRMLFERTKELFPGGVNSPVRAAVKPYPFYVKRGEGAYLYTVDGARIVDLVLAYGPLILGHKHPRVLEA
VEEALARGWLYGAPGEAEVLLAEKILGYVKRGGMIRFVNSGTEATMTAIRLARGYTGRDLILKFDGCYHGSHDAVLVAAG
SAAAHYGVPTSAGVPEAVARLTLVTPYNDVEALERVFAEYGDRIAGVIVEPVIANAGVIPPRREFLAALQRLSRESGALL
ILDEVVTGFRLGLEGAQGYFNIEGDIIVLGKIIGGGFPVGAVAGSREVMSLLTPQGKVFNAGTFNAHPITMAAGLATLKA
LEEEPVYSVSREAAKALEEAASEVLDRTGLPYTINRVESMMQLFIGVEEVSNAAQARKADKKFYVKLHEEMLRRGVFIAP
SNLEAVFTGLPHQGEALEIAVEGLRSSLKTVLGS
;
_entity_poly.pdbx_strand_id   A
#
loop_
_chem_comp.id
_chem_comp.type
_chem_comp.name
_chem_comp.formula
PMP non-polymer 4'-DEOXY-4'-AMINOPYRIDOXAL-5'-PHOSPHATE 'C8 H13 N2 O5 P'
#
# COMPACT_ATOMS: atom_id res chain seq x y z
N GLY A 9 -30.28 -3.96 -4.07
CA GLY A 9 -29.31 -2.93 -3.59
C GLY A 9 -29.99 -1.64 -3.19
N GLU A 10 -31.25 -1.75 -2.76
CA GLU A 10 -32.04 -0.59 -2.36
C GLU A 10 -31.40 0.24 -1.24
N LYS A 11 -30.88 -0.43 -0.22
CA LYS A 11 -30.27 0.27 0.89
C LYS A 11 -29.00 1.01 0.47
N SER A 12 -28.17 0.39 -0.37
CA SER A 12 -26.96 1.06 -0.84
C SER A 12 -27.35 2.23 -1.72
N ARG A 13 -28.42 2.06 -2.51
CA ARG A 13 -28.89 3.12 -3.39
C ARG A 13 -29.31 4.34 -2.55
N MET A 14 -30.03 4.09 -1.47
CA MET A 14 -30.49 5.16 -0.60
C MET A 14 -29.31 5.91 0.01
N LEU A 15 -28.32 5.17 0.50
CA LEU A 15 -27.13 5.79 1.08
C LEU A 15 -26.37 6.58 0.02
N PHE A 16 -26.37 6.05 -1.20
CA PHE A 16 -25.71 6.70 -2.32
C PHE A 16 -26.32 8.08 -2.54
N GLU A 17 -27.64 8.17 -2.45
CA GLU A 17 -28.34 9.42 -2.63
C GLU A 17 -28.02 10.42 -1.51
N ARG A 18 -27.96 9.92 -0.28
CA ARG A 18 -27.68 10.76 0.88
C ARG A 18 -26.27 11.35 0.89
N THR A 19 -25.30 10.58 0.44
CA THR A 19 -23.92 11.07 0.44
C THR A 19 -23.55 12.00 -0.71
N LYS A 20 -24.37 12.01 -1.75
CA LYS A 20 -24.12 12.87 -2.90
C LYS A 20 -23.89 14.32 -2.50
N GLU A 21 -24.66 14.81 -1.54
CA GLU A 21 -24.54 16.18 -1.08
C GLU A 21 -23.73 16.35 0.21
N LEU A 22 -23.25 15.23 0.76
CA LEU A 22 -22.50 15.28 2.01
C LEU A 22 -20.99 15.26 1.80
N PHE A 23 -20.53 14.45 0.84
CA PHE A 23 -19.11 14.30 0.55
C PHE A 23 -18.77 14.66 -0.89
N PRO A 24 -17.58 15.24 -1.11
CA PRO A 24 -17.21 15.59 -2.48
C PRO A 24 -17.11 14.27 -3.27
N GLY A 25 -17.81 14.19 -4.39
CA GLY A 25 -17.78 12.97 -5.17
C GLY A 25 -18.53 11.84 -4.50
N GLY A 26 -19.21 12.16 -3.40
CA GLY A 26 -19.98 11.18 -2.67
C GLY A 26 -19.21 10.18 -1.82
N VAL A 27 -17.89 10.35 -1.71
CA VAL A 27 -17.07 9.42 -0.93
C VAL A 27 -15.99 10.11 -0.13
N ASN A 28 -15.38 9.39 0.82
CA ASN A 28 -14.32 9.96 1.65
C ASN A 28 -12.92 9.64 1.14
N SER A 29 -12.85 8.90 0.05
CA SER A 29 -11.58 8.58 -0.60
C SER A 29 -11.93 8.24 -2.05
N PRO A 30 -11.27 8.91 -3.02
CA PRO A 30 -11.48 8.73 -4.46
C PRO A 30 -11.80 7.35 -5.03
N VAL A 31 -10.96 6.36 -4.76
CA VAL A 31 -11.17 5.01 -5.29
C VAL A 31 -12.53 4.41 -4.96
N ARG A 32 -13.09 4.80 -3.82
CA ARG A 32 -14.38 4.24 -3.40
C ARG A 32 -15.54 4.58 -4.34
N ALA A 33 -15.43 5.70 -5.03
CA ALA A 33 -16.49 6.14 -5.95
C ALA A 33 -16.57 5.36 -7.27
N ALA A 34 -15.50 4.66 -7.61
CA ALA A 34 -15.45 3.94 -8.89
C ALA A 34 -16.12 2.58 -8.93
N VAL A 35 -16.57 2.07 -7.78
CA VAL A 35 -17.23 0.77 -7.74
C VAL A 35 -18.49 0.76 -8.62
N LYS A 36 -18.63 -0.28 -9.42
CA LYS A 36 -19.76 -0.41 -10.35
C LYS A 36 -20.86 -1.39 -9.94
N PRO A 37 -22.12 -1.11 -10.33
CA PRO A 37 -22.57 0.06 -11.11
C PRO A 37 -22.44 1.34 -10.30
N TYR A 38 -22.50 1.20 -8.98
CA TYR A 38 -22.34 2.31 -8.06
C TYR A 38 -21.83 1.68 -6.77
N PRO A 39 -21.21 2.49 -5.90
CA PRO A 39 -20.68 1.95 -4.64
C PRO A 39 -21.68 1.27 -3.74
N PHE A 40 -21.32 0.07 -3.27
CA PHE A 40 -22.17 -0.63 -2.34
C PHE A 40 -21.71 -0.17 -0.96
N TYR A 41 -22.61 -0.18 0.01
CA TYR A 41 -22.26 0.21 1.37
C TYR A 41 -22.11 -1.05 2.18
N VAL A 42 -21.12 -1.05 3.07
CA VAL A 42 -20.81 -2.21 3.89
C VAL A 42 -21.44 -2.18 5.28
N LYS A 43 -22.05 -3.30 5.65
CA LYS A 43 -22.66 -3.44 6.96
C LYS A 43 -21.59 -3.95 7.92
N ARG A 44 -20.87 -4.98 7.48
CA ARG A 44 -19.82 -5.56 8.30
C ARG A 44 -18.86 -6.39 7.47
N GLY A 45 -17.79 -6.85 8.12
CA GLY A 45 -16.82 -7.69 7.45
C GLY A 45 -16.36 -8.75 8.44
N GLU A 46 -16.10 -9.95 7.94
CA GLU A 46 -15.62 -11.04 8.80
C GLU A 46 -14.92 -12.07 7.93
N GLY A 47 -13.71 -12.43 8.32
CA GLY A 47 -12.95 -13.40 7.56
C GLY A 47 -12.61 -12.89 6.18
N ALA A 48 -12.90 -13.69 5.17
CA ALA A 48 -12.62 -13.31 3.79
C ALA A 48 -13.75 -12.52 3.17
N TYR A 49 -14.78 -12.22 3.96
CA TYR A 49 -15.95 -11.55 3.40
C TYR A 49 -16.39 -10.19 3.90
N LEU A 50 -17.00 -9.45 2.99
CA LEU A 50 -17.61 -8.17 3.30
C LEU A 50 -19.10 -8.49 3.15
N TYR A 51 -19.94 -7.79 3.90
CA TYR A 51 -21.37 -7.99 3.81
C TYR A 51 -22.01 -6.63 3.56
N THR A 52 -22.72 -6.49 2.45
CA THR A 52 -23.35 -5.23 2.11
C THR A 52 -24.51 -4.89 3.03
N VAL A 53 -24.93 -3.62 3.02
CA VAL A 53 -26.05 -3.20 3.86
C VAL A 53 -27.35 -3.88 3.43
N ASP A 54 -27.37 -4.40 2.20
CA ASP A 54 -28.57 -5.08 1.72
C ASP A 54 -28.53 -6.57 2.09
N GLY A 55 -27.39 -7.01 2.65
CA GLY A 55 -27.26 -8.39 3.10
C GLY A 55 -26.46 -9.37 2.28
N ALA A 56 -25.80 -8.90 1.22
CA ALA A 56 -25.03 -9.80 0.35
C ALA A 56 -23.59 -10.06 0.81
N ARG A 57 -23.20 -11.33 0.80
CA ARG A 57 -21.85 -11.73 1.18
C ARG A 57 -20.96 -11.63 -0.06
N ILE A 58 -19.81 -10.98 0.08
CA ILE A 58 -18.88 -10.80 -1.03
C ILE A 58 -17.45 -11.19 -0.63
N VAL A 59 -16.79 -11.99 -1.47
CA VAL A 59 -15.41 -12.38 -1.19
C VAL A 59 -14.59 -11.12 -1.41
N ASP A 60 -13.77 -10.77 -0.43
CA ASP A 60 -12.96 -9.55 -0.49
C ASP A 60 -11.52 -9.72 -0.95
N LEU A 61 -11.21 -9.29 -2.17
CA LEU A 61 -9.85 -9.35 -2.71
C LEU A 61 -9.21 -7.97 -2.73
N VAL A 62 -9.77 -7.07 -1.92
CA VAL A 62 -9.26 -5.70 -1.80
C VAL A 62 -8.61 -5.57 -0.42
N LEU A 63 -9.23 -6.16 0.59
CA LEU A 63 -8.72 -6.13 1.95
C LEU A 63 -8.37 -4.72 2.42
N ALA A 64 -9.28 -3.78 2.14
CA ALA A 64 -9.11 -2.37 2.52
C ALA A 64 -7.87 -1.76 1.89
N TYR A 65 -7.45 -2.36 0.77
CA TYR A 65 -6.28 -1.92 0.02
C TYR A 65 -4.95 -2.19 0.71
N GLY A 66 -4.85 -3.35 1.38
CA GLY A 66 -3.59 -3.71 2.01
C GLY A 66 -3.48 -4.05 3.48
N PRO A 67 -4.09 -3.28 4.38
CA PRO A 67 -4.00 -3.56 5.81
C PRO A 67 -4.50 -4.91 6.34
N LEU A 68 -5.55 -5.44 5.73
CA LEU A 68 -6.14 -6.68 6.22
C LEU A 68 -5.60 -8.00 5.69
N ILE A 69 -4.31 -8.21 5.86
CA ILE A 69 -3.69 -9.45 5.41
C ILE A 69 -4.19 -10.64 6.20
N LEU A 70 -4.74 -10.34 7.41
CA LEU A 70 -5.27 -11.42 8.26
C LEU A 70 -6.77 -11.61 8.02
N GLY A 71 -7.32 -10.83 7.08
CA GLY A 71 -8.76 -10.91 6.83
C GLY A 71 -9.50 -9.98 7.75
N HIS A 72 -10.83 -10.04 7.73
CA HIS A 72 -11.66 -9.18 8.58
C HIS A 72 -11.89 -9.76 9.98
N LYS A 73 -11.84 -8.88 10.96
CA LYS A 73 -12.08 -9.26 12.35
C LYS A 73 -11.38 -10.56 12.75
N HIS A 74 -10.07 -10.62 12.55
CA HIS A 74 -9.30 -11.81 12.91
C HIS A 74 -9.52 -12.01 14.41
N PRO A 75 -9.88 -13.24 14.83
CA PRO A 75 -10.14 -13.57 16.24
C PRO A 75 -9.08 -13.11 17.25
N ARG A 76 -7.80 -13.34 16.93
CA ARG A 76 -6.72 -12.94 17.83
C ARG A 76 -6.66 -11.43 17.96
N VAL A 77 -6.78 -10.73 16.85
CA VAL A 77 -6.73 -9.27 16.86
C VAL A 77 -7.96 -8.71 17.56
N LEU A 78 -9.13 -9.32 17.31
CA LEU A 78 -10.36 -8.86 17.95
C LEU A 78 -10.22 -8.94 19.47
N GLU A 79 -9.75 -10.08 19.96
CA GLU A 79 -9.59 -10.26 21.40
C GLU A 79 -8.63 -9.23 22.00
N ALA A 80 -7.52 -8.98 21.32
CA ALA A 80 -6.53 -8.02 21.81
C ALA A 80 -7.14 -6.61 21.85
N VAL A 81 -7.94 -6.27 20.85
CA VAL A 81 -8.57 -4.97 20.80
C VAL A 81 -9.65 -4.83 21.88
N GLU A 82 -10.37 -5.92 22.15
CA GLU A 82 -11.40 -5.90 23.18
C GLU A 82 -10.75 -5.62 24.52
N GLU A 83 -9.61 -6.27 24.78
CA GLU A 83 -8.90 -6.06 26.03
C GLU A 83 -8.37 -4.64 26.12
N ALA A 84 -7.87 -4.13 25.00
CA ALA A 84 -7.36 -2.76 24.94
C ALA A 84 -8.46 -1.73 25.15
N LEU A 85 -9.65 -1.99 24.59
CA LEU A 85 -10.77 -1.07 24.72
C LEU A 85 -11.20 -0.94 26.18
N ALA A 86 -11.15 -2.06 26.92
CA ALA A 86 -11.53 -2.06 28.32
C ALA A 86 -10.58 -1.18 29.14
N ARG A 87 -9.38 -0.93 28.61
CA ARG A 87 -8.39 -0.11 29.30
C ARG A 87 -8.49 1.38 28.89
N GLY A 88 -9.51 1.73 28.12
CA GLY A 88 -9.62 3.11 27.66
C GLY A 88 -8.83 3.14 26.36
N TRP A 89 -9.21 4.02 25.44
CA TRP A 89 -8.54 4.06 24.13
C TRP A 89 -7.65 5.24 23.77
N LEU A 90 -7.47 6.19 24.69
CA LEU A 90 -6.60 7.33 24.41
C LEU A 90 -6.11 7.92 25.72
N TYR A 91 -4.80 8.13 25.83
CA TYR A 91 -4.31 8.56 27.13
C TYR A 91 -3.66 9.96 27.06
N GLY A 92 -2.94 10.24 25.94
CA GLY A 92 -2.15 11.48 25.86
C GLY A 92 -0.79 11.37 26.58
N ALA A 93 -0.51 10.13 27.03
CA ALA A 93 0.74 9.76 27.67
C ALA A 93 1.10 8.31 27.30
N PRO A 94 2.39 7.96 27.47
CA PRO A 94 2.91 6.67 27.03
C PRO A 94 2.14 5.46 27.60
N GLY A 95 1.99 4.45 26.74
CA GLY A 95 1.33 3.21 27.11
C GLY A 95 2.28 2.04 26.91
N GLU A 96 1.85 0.84 27.28
CA GLU A 96 2.70 -0.35 27.15
C GLU A 96 2.76 -0.95 25.74
N ALA A 97 1.61 -1.00 25.08
CA ALA A 97 1.53 -1.58 23.74
C ALA A 97 2.49 -0.97 22.71
N GLU A 98 2.64 0.36 22.75
CA GLU A 98 3.53 1.02 21.80
C GLU A 98 4.98 0.55 21.96
N VAL A 99 5.38 0.25 23.20
CA VAL A 99 6.73 -0.22 23.46
C VAL A 99 6.93 -1.61 22.85
N LEU A 100 6.01 -2.52 23.12
CA LEU A 100 6.10 -3.88 22.59
C LEU A 100 6.04 -3.92 21.07
N LEU A 101 5.17 -3.12 20.48
CA LEU A 101 5.05 -3.11 19.02
C LEU A 101 6.32 -2.55 18.38
N ALA A 102 6.87 -1.50 18.99
CA ALA A 102 8.10 -0.90 18.46
C ALA A 102 9.25 -1.90 18.49
N GLU A 103 9.39 -2.61 19.61
CA GLU A 103 10.47 -3.58 19.74
C GLU A 103 10.34 -4.69 18.70
N LYS A 104 9.11 -5.13 18.45
CA LYS A 104 8.88 -6.20 17.48
C LYS A 104 9.14 -5.73 16.05
N ILE A 105 8.65 -4.54 15.70
CA ILE A 105 8.85 -4.01 14.36
C ILE A 105 10.34 -3.77 14.06
N LEU A 106 11.03 -3.10 14.97
CA LEU A 106 12.44 -2.80 14.77
C LEU A 106 13.30 -4.05 14.66
N GLY A 107 12.92 -5.10 15.37
CA GLY A 107 13.69 -6.33 15.31
C GLY A 107 13.68 -6.92 13.91
N TYR A 108 12.66 -6.58 13.14
CA TYR A 108 12.52 -7.09 11.78
C TYR A 108 12.97 -6.13 10.67
N VAL A 109 12.84 -4.83 10.90
CA VAL A 109 13.19 -3.88 9.85
C VAL A 109 14.38 -2.95 10.08
N LYS A 110 14.79 -2.77 11.33
CA LYS A 110 15.91 -1.88 11.61
C LYS A 110 16.43 -2.13 13.02
N ARG A 111 17.11 -3.26 13.19
CA ARG A 111 17.64 -3.63 14.49
C ARG A 111 18.57 -2.56 15.05
N GLY A 112 18.33 -2.17 16.29
CA GLY A 112 19.15 -1.16 16.93
C GLY A 112 18.77 0.26 16.55
N GLY A 113 17.75 0.41 15.71
CA GLY A 113 17.34 1.74 15.29
C GLY A 113 16.21 2.29 16.15
N MET A 114 15.52 3.29 15.62
CA MET A 114 14.40 3.92 16.33
C MET A 114 13.19 4.01 15.42
N ILE A 115 12.04 4.25 16.01
CA ILE A 115 10.81 4.36 15.25
C ILE A 115 9.91 5.46 15.83
N ARG A 116 9.07 6.03 14.98
CA ARG A 116 8.12 7.06 15.40
C ARG A 116 6.78 6.68 14.77
N PHE A 117 5.76 6.52 15.61
CA PHE A 117 4.43 6.14 15.14
C PHE A 117 3.58 7.36 14.81
N VAL A 118 2.95 7.33 13.64
CA VAL A 118 2.06 8.41 13.23
C VAL A 118 0.69 7.84 12.89
N ASN A 119 -0.16 8.61 12.22
CA ASN A 119 -1.53 8.15 11.97
C ASN A 119 -2.00 7.77 10.58
N SER A 120 -1.10 7.83 9.61
CA SER A 120 -1.43 7.46 8.25
C SER A 120 -0.14 7.28 7.47
N GLY A 121 -0.23 6.62 6.32
CA GLY A 121 0.95 6.44 5.49
C GLY A 121 1.39 7.79 4.98
N THR A 122 0.41 8.67 4.75
CA THR A 122 0.67 10.02 4.28
C THR A 122 1.52 10.77 5.32
N GLU A 123 1.11 10.72 6.58
CA GLU A 123 1.90 11.39 7.62
C GLU A 123 3.28 10.77 7.70
N ALA A 124 3.36 9.45 7.53
CA ALA A 124 4.63 8.74 7.60
C ALA A 124 5.63 9.16 6.53
N THR A 125 5.22 9.18 5.26
CA THR A 125 6.15 9.56 4.20
C THR A 125 6.52 11.04 4.32
N MET A 126 5.55 11.84 4.73
CA MET A 126 5.77 13.28 4.90
C MET A 126 6.83 13.51 5.98
N THR A 127 6.75 12.74 7.07
CA THR A 127 7.71 12.85 8.15
C THR A 127 9.08 12.34 7.70
N ALA A 128 9.10 11.26 6.93
CA ALA A 128 10.35 10.70 6.43
C ALA A 128 11.08 11.72 5.56
N ILE A 129 10.32 12.40 4.69
CA ILE A 129 10.90 13.40 3.81
C ILE A 129 11.48 14.56 4.60
N ARG A 130 10.76 15.03 5.62
CA ARG A 130 11.25 16.13 6.44
C ARG A 130 12.54 15.70 7.14
N LEU A 131 12.58 14.43 7.58
CA LEU A 131 13.74 13.91 8.27
C LEU A 131 14.96 13.82 7.35
N ALA A 132 14.74 13.36 6.12
CA ALA A 132 15.83 13.25 5.16
C ALA A 132 16.39 14.64 4.84
N ARG A 133 15.50 15.61 4.69
CA ARG A 133 15.93 16.97 4.41
C ARG A 133 16.69 17.55 5.59
N GLY A 134 16.22 17.24 6.80
CA GLY A 134 16.89 17.74 7.99
C GLY A 134 18.26 17.14 8.20
N TYR A 135 18.38 15.84 7.94
CA TYR A 135 19.62 15.11 8.12
C TYR A 135 20.71 15.52 7.12
N THR A 136 20.32 15.68 5.87
CA THR A 136 21.27 16.02 4.81
C THR A 136 21.46 17.54 4.64
N GLY A 137 20.43 18.30 5.07
CA GLY A 137 20.48 19.74 4.87
C GLY A 137 20.20 20.13 3.41
N ARG A 138 19.62 19.15 2.68
CA ARG A 138 19.25 19.39 1.29
C ARG A 138 17.74 19.53 1.12
N ASP A 139 17.30 20.07 -0.02
CA ASP A 139 15.88 20.38 -0.32
C ASP A 139 15.17 19.33 -1.25
N LEU A 140 15.89 18.86 -2.27
CA LEU A 140 15.27 18.01 -3.27
C LEU A 140 14.95 16.57 -2.87
N ILE A 141 13.81 16.09 -3.35
CA ILE A 141 13.36 14.73 -3.11
C ILE A 141 13.12 14.12 -4.48
N LEU A 142 13.58 12.88 -4.67
CA LEU A 142 13.37 12.20 -5.94
C LEU A 142 12.34 11.10 -5.74
N LYS A 143 11.32 11.08 -6.60
CA LYS A 143 10.29 10.05 -6.57
C LYS A 143 10.17 9.49 -7.97
N PHE A 144 9.39 8.43 -8.14
CA PHE A 144 9.23 7.83 -9.46
C PHE A 144 7.82 7.86 -9.98
N ASP A 145 7.70 8.04 -11.29
CA ASP A 145 6.41 8.10 -11.95
C ASP A 145 5.63 6.81 -11.67
N GLY A 146 4.43 6.96 -11.10
CA GLY A 146 3.64 5.80 -10.80
C GLY A 146 3.63 5.45 -9.32
N CYS A 147 4.66 5.91 -8.59
CA CYS A 147 4.71 5.62 -7.16
C CYS A 147 3.77 6.57 -6.42
N TYR A 148 3.09 6.04 -5.41
CA TYR A 148 2.17 6.82 -4.60
C TYR A 148 2.67 6.80 -3.17
N HIS A 149 2.78 7.98 -2.57
CA HIS A 149 3.27 8.09 -1.20
C HIS A 149 2.32 8.82 -0.27
N GLY A 150 1.09 9.00 -0.71
CA GLY A 150 0.14 9.68 0.15
C GLY A 150 -0.36 11.01 -0.36
N SER A 151 -1.19 11.64 0.47
CA SER A 151 -1.82 12.90 0.13
C SER A 151 -1.16 14.16 0.69
N HIS A 152 0.09 14.39 0.34
CA HIS A 152 0.76 15.61 0.80
C HIS A 152 1.54 16.21 -0.37
N ASP A 153 1.57 17.54 -0.42
CA ASP A 153 2.21 18.30 -1.48
C ASP A 153 3.48 17.78 -2.14
N ALA A 154 4.50 17.50 -1.32
CA ALA A 154 5.79 17.04 -1.84
C ALA A 154 5.73 15.83 -2.76
N VAL A 155 4.71 14.99 -2.60
CA VAL A 155 4.61 13.80 -3.43
C VAL A 155 3.45 13.82 -4.43
N LEU A 156 2.82 14.98 -4.59
CA LEU A 156 1.72 15.15 -5.55
C LEU A 156 2.34 15.92 -6.71
N VAL A 157 3.37 15.32 -7.30
CA VAL A 157 4.14 15.93 -8.38
C VAL A 157 4.46 14.94 -9.49
N ALA A 158 4.63 15.48 -10.70
CA ALA A 158 4.98 14.68 -11.88
C ALA A 158 6.05 15.44 -12.64
N ALA A 159 6.80 14.75 -13.49
CA ALA A 159 7.84 15.40 -14.28
C ALA A 159 7.23 16.43 -15.22
N GLY A 160 7.84 17.60 -15.30
CA GLY A 160 7.34 18.64 -16.16
C GLY A 160 7.31 18.23 -17.63
N GLY A 167 9.67 19.31 -11.71
CA GLY A 167 8.43 18.77 -11.18
C GLY A 167 7.29 19.76 -11.18
N VAL A 168 6.12 19.31 -11.60
CA VAL A 168 4.92 20.14 -11.64
C VAL A 168 3.82 19.44 -10.83
N PRO A 169 2.88 20.23 -10.29
CA PRO A 169 1.78 19.67 -9.50
C PRO A 169 0.84 18.78 -10.32
N THR A 170 0.47 17.66 -9.66
CA THR A 170 -0.57 16.79 -10.18
C THR A 170 -1.91 17.06 -9.47
N SER A 171 -1.87 17.97 -8.45
CA SER A 171 -3.08 18.33 -7.78
C SER A 171 -3.18 19.85 -7.72
N ALA A 172 -4.41 20.35 -7.76
CA ALA A 172 -4.62 21.79 -7.67
C ALA A 172 -4.31 22.13 -6.21
N GLY A 173 -3.99 23.38 -5.94
CA GLY A 173 -3.71 23.79 -4.56
C GLY A 173 -2.30 23.50 -4.08
N VAL A 174 -1.45 22.98 -4.96
CA VAL A 174 -0.06 22.70 -4.61
C VAL A 174 0.80 23.75 -5.30
N PRO A 175 1.44 24.62 -4.51
CA PRO A 175 2.30 25.68 -5.08
C PRO A 175 3.38 25.12 -6.00
N GLU A 176 3.60 25.78 -7.13
CA GLU A 176 4.62 25.33 -8.06
C GLU A 176 5.98 25.37 -7.38
N ALA A 177 6.17 26.32 -6.46
CA ALA A 177 7.43 26.45 -5.75
C ALA A 177 7.70 25.21 -4.90
N VAL A 178 6.63 24.57 -4.45
CA VAL A 178 6.77 23.36 -3.64
C VAL A 178 7.05 22.17 -4.55
N ALA A 179 6.26 22.06 -5.62
CA ALA A 179 6.40 20.97 -6.58
C ALA A 179 7.78 20.89 -7.23
N ARG A 180 8.38 22.04 -7.50
CA ARG A 180 9.68 22.06 -8.14
C ARG A 180 10.81 21.48 -7.29
N LEU A 181 10.55 21.26 -6.01
CA LEU A 181 11.54 20.69 -5.11
C LEU A 181 11.52 19.16 -5.17
N THR A 182 10.63 18.61 -5.98
CA THR A 182 10.52 17.16 -6.14
C THR A 182 10.85 16.77 -7.58
N LEU A 183 11.83 15.89 -7.74
CA LEU A 183 12.25 15.41 -9.05
C LEU A 183 11.49 14.12 -9.33
N VAL A 184 11.22 13.85 -10.60
CA VAL A 184 10.49 12.64 -10.98
C VAL A 184 11.08 11.96 -12.22
N THR A 185 11.36 10.67 -12.11
CA THR A 185 11.87 9.90 -13.24
C THR A 185 11.07 8.60 -13.29
N PRO A 186 11.15 7.86 -14.41
CA PRO A 186 10.39 6.60 -14.50
C PRO A 186 10.86 5.48 -13.57
N TYR A 187 9.90 4.69 -13.09
CA TYR A 187 10.20 3.55 -12.23
C TYR A 187 10.98 2.54 -13.09
N ASN A 188 11.91 1.82 -12.48
CA ASN A 188 12.73 0.82 -13.16
C ASN A 188 13.61 1.30 -14.31
N ASP A 189 13.75 2.62 -14.45
CA ASP A 189 14.55 3.19 -15.53
C ASP A 189 15.93 3.57 -14.97
N VAL A 190 16.90 2.68 -15.12
CA VAL A 190 18.24 2.94 -14.60
C VAL A 190 18.93 4.12 -15.28
N GLU A 191 18.81 4.22 -16.60
CA GLU A 191 19.45 5.30 -17.33
C GLU A 191 18.97 6.66 -16.83
N ALA A 192 17.65 6.80 -16.68
CA ALA A 192 17.05 8.04 -16.20
C ALA A 192 17.49 8.35 -14.77
N LEU A 193 17.60 7.30 -13.96
CA LEU A 193 18.01 7.45 -12.58
C LEU A 193 19.44 7.95 -12.50
N GLU A 194 20.31 7.38 -13.34
CA GLU A 194 21.71 7.81 -13.35
C GLU A 194 21.81 9.26 -13.81
N ARG A 195 21.02 9.60 -14.83
CA ARG A 195 21.03 10.96 -15.35
C ARG A 195 20.57 12.01 -14.35
N VAL A 196 19.51 11.72 -13.60
CA VAL A 196 19.03 12.70 -12.63
C VAL A 196 20.04 12.90 -11.51
N PHE A 197 20.74 11.86 -11.10
CA PHE A 197 21.73 12.01 -10.05
C PHE A 197 22.96 12.75 -10.59
N ALA A 198 23.29 12.53 -11.85
CA ALA A 198 24.44 13.21 -12.44
C ALA A 198 24.18 14.72 -12.48
N GLU A 199 22.92 15.10 -12.70
CA GLU A 199 22.55 16.50 -12.79
C GLU A 199 22.23 17.20 -11.47
N TYR A 200 21.51 16.50 -10.59
CA TYR A 200 21.07 17.08 -9.32
C TYR A 200 21.49 16.36 -8.05
N GLY A 201 22.18 15.24 -8.19
CA GLY A 201 22.59 14.43 -7.05
C GLY A 201 23.00 15.07 -5.74
N ASP A 202 23.84 16.11 -5.81
CA ASP A 202 24.32 16.74 -4.59
C ASP A 202 23.27 17.57 -3.85
N ARG A 203 22.09 17.72 -4.45
CA ARG A 203 21.00 18.48 -3.83
C ARG A 203 19.85 17.56 -3.41
N ILE A 204 19.99 16.27 -3.68
CA ILE A 204 18.94 15.32 -3.33
C ILE A 204 19.06 14.87 -1.88
N ALA A 205 18.06 15.23 -1.08
CA ALA A 205 18.04 14.86 0.34
C ALA A 205 17.65 13.40 0.50
N GLY A 206 16.72 12.96 -0.33
CA GLY A 206 16.28 11.58 -0.25
C GLY A 206 15.61 11.11 -1.53
N VAL A 207 15.66 9.80 -1.73
CA VAL A 207 15.03 9.16 -2.87
C VAL A 207 13.98 8.26 -2.22
N ILE A 208 12.71 8.52 -2.51
CA ILE A 208 11.62 7.72 -1.95
C ILE A 208 11.12 6.78 -3.04
N VAL A 209 10.80 5.54 -2.67
CA VAL A 209 10.35 4.57 -3.66
C VAL A 209 9.62 3.38 -3.04
N GLU A 210 8.65 2.84 -3.78
CA GLU A 210 7.93 1.65 -3.34
C GLU A 210 8.74 0.49 -3.88
N PRO A 211 9.18 -0.44 -3.01
CA PRO A 211 9.97 -1.58 -3.47
C PRO A 211 9.23 -2.40 -4.53
N VAL A 212 7.90 -2.38 -4.42
CA VAL A 212 7.00 -3.00 -5.37
C VAL A 212 5.86 -1.99 -5.50
N ILE A 213 5.63 -1.49 -6.70
CA ILE A 213 4.56 -0.52 -6.91
C ILE A 213 3.23 -1.21 -6.67
N ALA A 214 2.33 -0.52 -5.97
CA ALA A 214 1.01 -1.08 -5.67
C ALA A 214 -0.12 -0.15 -6.08
N ASN A 215 0.23 1.03 -6.58
CA ASN A 215 -0.79 2.03 -6.93
C ASN A 215 -0.73 2.44 -8.39
N ALA A 216 -0.01 1.63 -9.18
CA ALA A 216 -0.09 1.75 -10.63
C ALA A 216 -0.27 0.36 -11.20
N GLY A 217 -1.32 -0.32 -10.70
CA GLY A 217 -1.31 -1.76 -10.74
C GLY A 217 -0.17 -2.28 -9.86
N VAL A 218 0.24 -3.52 -10.01
CA VAL A 218 1.37 -4.04 -9.25
C VAL A 218 2.53 -4.12 -10.22
N ILE A 219 3.67 -3.54 -9.85
CA ILE A 219 4.85 -3.57 -10.71
C ILE A 219 6.09 -3.94 -9.90
N PRO A 220 6.67 -5.11 -10.20
CA PRO A 220 7.87 -5.56 -9.47
C PRO A 220 9.09 -4.75 -9.90
N PRO A 221 10.09 -4.65 -9.01
CA PRO A 221 11.30 -3.90 -9.31
C PRO A 221 12.31 -4.75 -10.10
N ARG A 222 13.14 -4.09 -10.90
CA ARG A 222 14.18 -4.78 -11.64
C ARG A 222 15.36 -4.78 -10.67
N ARG A 223 16.15 -5.87 -10.67
CA ARG A 223 17.29 -5.93 -9.78
C ARG A 223 18.26 -4.79 -10.05
N GLU A 224 18.41 -4.43 -11.33
CA GLU A 224 19.32 -3.35 -11.72
C GLU A 224 18.86 -2.00 -11.17
N PHE A 225 17.56 -1.82 -11.03
CA PHE A 225 16.98 -0.59 -10.51
C PHE A 225 17.24 -0.54 -9.00
N LEU A 226 17.02 -1.66 -8.32
CA LEU A 226 17.27 -1.72 -6.89
C LEU A 226 18.75 -1.49 -6.60
N ALA A 227 19.62 -2.05 -7.44
CA ALA A 227 21.06 -1.90 -7.26
C ALA A 227 21.47 -0.43 -7.42
N ALA A 228 20.94 0.22 -8.44
CA ALA A 228 21.26 1.63 -8.69
C ALA A 228 20.76 2.52 -7.57
N LEU A 229 19.56 2.24 -7.07
CA LEU A 229 18.98 3.03 -5.99
C LEU A 229 19.89 3.04 -4.77
N GLN A 230 20.42 1.88 -4.40
CA GLN A 230 21.28 1.79 -3.24
C GLN A 230 22.65 2.41 -3.49
N ARG A 231 23.21 2.16 -4.67
CA ARG A 231 24.53 2.71 -5.01
C ARG A 231 24.52 4.23 -5.09
N LEU A 232 23.62 4.76 -5.90
CA LEU A 232 23.53 6.21 -6.09
C LEU A 232 23.20 6.98 -4.82
N SER A 233 22.32 6.42 -3.99
CA SER A 233 21.97 7.10 -2.75
C SER A 233 23.21 7.17 -1.87
N ARG A 234 23.87 6.03 -1.68
CA ARG A 234 25.07 5.96 -0.84
C ARG A 234 26.21 6.87 -1.32
N GLU A 235 26.46 6.87 -2.62
CA GLU A 235 27.55 7.68 -3.17
C GLU A 235 27.26 9.18 -3.21
N SER A 236 25.98 9.55 -3.28
CA SER A 236 25.59 10.95 -3.34
C SER A 236 25.33 11.58 -1.99
N GLY A 237 25.04 10.76 -0.99
CA GLY A 237 24.77 11.29 0.33
C GLY A 237 23.28 11.44 0.58
N ALA A 238 22.47 11.02 -0.39
CA ALA A 238 21.02 11.09 -0.25
C ALA A 238 20.55 9.88 0.51
N LEU A 239 19.50 10.03 1.31
CA LEU A 239 18.99 8.90 2.07
C LEU A 239 18.00 8.12 1.20
N LEU A 240 18.09 6.79 1.27
CA LEU A 240 17.17 5.95 0.51
C LEU A 240 15.98 5.68 1.40
N ILE A 241 14.83 6.22 1.01
CA ILE A 241 13.60 6.06 1.77
C ILE A 241 12.75 4.98 1.11
N LEU A 242 12.67 3.82 1.75
CA LEU A 242 11.87 2.75 1.19
C LEU A 242 10.46 2.89 1.73
N ASP A 243 9.52 3.19 0.84
CA ASP A 243 8.13 3.33 1.25
C ASP A 243 7.55 1.92 1.29
N GLU A 244 7.55 1.33 2.47
CA GLU A 244 7.04 -0.01 2.67
C GLU A 244 5.67 0.01 3.35
N VAL A 245 4.89 1.04 3.07
CA VAL A 245 3.56 1.14 3.66
C VAL A 245 2.75 -0.09 3.25
N VAL A 246 2.96 -0.57 2.02
CA VAL A 246 2.27 -1.76 1.54
C VAL A 246 3.12 -3.04 1.67
N THR A 247 4.37 -2.98 1.23
CA THR A 247 5.25 -4.15 1.28
C THR A 247 5.63 -4.60 2.69
N GLY A 248 5.69 -3.64 3.61
CA GLY A 248 6.07 -3.94 4.97
C GLY A 248 5.16 -4.98 5.59
N PHE A 249 5.76 -6.06 6.07
CA PHE A 249 5.05 -7.16 6.70
C PHE A 249 4.09 -7.91 5.79
N ARG A 250 4.17 -7.62 4.49
CA ARG A 250 3.33 -8.35 3.52
C ARG A 250 4.29 -9.26 2.76
N LEU A 251 5.48 -8.75 2.42
CA LEU A 251 6.48 -9.55 1.73
C LEU A 251 7.34 -10.18 2.82
N GLY A 252 6.70 -10.92 3.73
CA GLY A 252 7.41 -11.55 4.81
C GLY A 252 7.59 -10.60 5.98
N LEU A 253 8.02 -11.16 7.11
CA LEU A 253 8.22 -10.36 8.31
C LEU A 253 9.27 -9.25 8.11
N GLU A 254 10.27 -9.51 7.27
CA GLU A 254 11.32 -8.52 7.03
C GLU A 254 10.99 -7.58 5.88
N GLY A 255 9.78 -7.69 5.34
CA GLY A 255 9.37 -6.83 4.25
C GLY A 255 10.26 -6.86 3.02
N ALA A 256 10.27 -5.75 2.29
CA ALA A 256 11.05 -5.66 1.06
C ALA A 256 12.56 -5.79 1.27
N GLN A 257 13.07 -5.25 2.37
CA GLN A 257 14.50 -5.34 2.65
C GLN A 257 14.93 -6.81 2.69
N GLY A 258 14.17 -7.62 3.41
CA GLY A 258 14.51 -9.03 3.51
C GLY A 258 14.18 -9.79 2.24
N TYR A 259 13.05 -9.45 1.61
CA TYR A 259 12.61 -10.13 0.41
C TYR A 259 13.55 -9.95 -0.78
N PHE A 260 14.01 -8.73 -0.99
CA PHE A 260 14.91 -8.43 -2.11
C PHE A 260 16.37 -8.28 -1.70
N ASN A 261 16.64 -8.42 -0.41
CA ASN A 261 17.99 -8.29 0.12
C ASN A 261 18.54 -6.91 -0.19
N ILE A 262 17.81 -5.88 0.23
CA ILE A 262 18.22 -4.50 0.03
C ILE A 262 18.13 -3.81 1.39
N GLU A 263 18.73 -2.63 1.50
CA GLU A 263 18.69 -1.90 2.76
C GLU A 263 18.33 -0.44 2.52
N GLY A 264 17.38 0.06 3.31
CA GLY A 264 17.00 1.44 3.17
C GLY A 264 17.48 2.22 4.38
N ASP A 265 17.68 3.53 4.21
CA ASP A 265 18.12 4.37 5.32
C ASP A 265 16.92 4.64 6.22
N ILE A 266 15.80 4.98 5.59
CA ILE A 266 14.57 5.24 6.32
C ILE A 266 13.53 4.26 5.78
N ILE A 267 12.82 3.60 6.67
CA ILE A 267 11.79 2.64 6.26
C ILE A 267 10.43 3.20 6.68
N VAL A 268 9.57 3.45 5.71
CA VAL A 268 8.24 3.97 6.00
C VAL A 268 7.30 2.77 6.08
N LEU A 269 6.55 2.68 7.18
CA LEU A 269 5.62 1.58 7.37
C LEU A 269 4.20 2.08 7.57
N GLY A 270 3.23 1.19 7.43
CA GLY A 270 1.85 1.55 7.61
C GLY A 270 0.95 0.35 7.43
N LYS A 271 -0.30 0.62 7.06
CA LYS A 271 -1.31 -0.41 6.82
C LYS A 271 -1.26 -1.61 7.77
N ILE A 272 -0.63 -2.71 7.37
CA ILE A 272 -0.58 -3.91 8.21
C ILE A 272 -0.16 -3.71 9.67
N ILE A 273 0.83 -2.85 9.93
CA ILE A 273 1.32 -2.71 11.30
C ILE A 273 0.29 -2.11 12.26
N GLY A 274 -0.85 -1.66 11.69
CA GLY A 274 -1.89 -1.05 12.53
C GLY A 274 -3.06 -2.01 12.78
N GLY A 275 -2.97 -3.19 12.14
CA GLY A 275 -3.99 -4.21 12.39
C GLY A 275 -5.34 -3.81 11.79
N GLY A 276 -5.40 -2.71 11.04
CA GLY A 276 -6.67 -2.26 10.51
C GLY A 276 -7.08 -0.91 11.08
N PHE A 277 -6.30 -0.40 12.02
CA PHE A 277 -6.56 0.91 12.63
C PHE A 277 -5.60 1.95 12.06
N PRO A 278 -5.98 3.24 12.10
CA PRO A 278 -5.14 4.33 11.58
C PRO A 278 -3.70 4.26 12.05
N VAL A 279 -2.77 4.23 11.10
CA VAL A 279 -1.37 4.10 11.46
C VAL A 279 -0.40 4.50 10.35
N GLY A 280 0.84 4.72 10.77
CA GLY A 280 1.94 5.06 9.89
C GLY A 280 3.15 5.01 10.79
N ALA A 281 4.35 4.84 10.22
CA ALA A 281 5.55 4.83 11.05
C ALA A 281 6.78 5.10 10.21
N VAL A 282 7.80 5.67 10.86
CA VAL A 282 9.07 5.95 10.23
C VAL A 282 10.12 5.28 11.10
N ALA A 283 10.94 4.43 10.50
CA ALA A 283 11.99 3.73 11.22
C ALA A 283 13.33 4.01 10.54
N GLY A 284 14.40 4.06 11.34
CA GLY A 284 15.71 4.32 10.77
C GLY A 284 16.78 4.21 11.84
N SER A 285 18.02 4.50 11.46
CA SER A 285 19.12 4.42 12.41
C SER A 285 18.95 5.44 13.52
N ARG A 286 19.63 5.22 14.64
CA ARG A 286 19.55 6.15 15.75
C ARG A 286 20.06 7.52 15.31
N GLU A 287 21.10 7.52 14.48
CA GLU A 287 21.69 8.77 14.00
C GLU A 287 20.71 9.63 13.23
N VAL A 288 19.91 9.02 12.37
CA VAL A 288 18.94 9.80 11.59
C VAL A 288 17.69 10.11 12.40
N MET A 289 17.13 9.09 13.04
CA MET A 289 15.91 9.26 13.83
C MET A 289 16.03 10.20 15.02
N SER A 290 17.24 10.36 15.57
CA SER A 290 17.45 11.24 16.72
C SER A 290 17.20 12.71 16.42
N LEU A 291 17.01 13.05 15.15
CA LEU A 291 16.75 14.43 14.77
C LEU A 291 15.29 14.83 15.06
N LEU A 292 14.44 13.84 15.28
CA LEU A 292 13.04 14.13 15.56
C LEU A 292 12.81 14.72 16.94
N THR A 293 11.90 15.68 17.02
CA THR A 293 11.54 16.30 18.30
C THR A 293 10.94 15.18 19.14
N PRO A 294 11.11 15.23 20.46
CA PRO A 294 11.81 16.24 21.26
C PRO A 294 13.33 16.09 21.38
N GLN A 295 13.93 15.17 20.65
CA GLN A 295 15.38 14.99 20.73
C GLN A 295 16.11 15.99 19.85
N GLY A 296 15.66 16.10 18.60
CA GLY A 296 16.27 17.01 17.64
C GLY A 296 15.37 18.16 17.21
N LYS A 297 15.71 18.76 16.07
CA LYS A 297 14.95 19.91 15.57
C LYS A 297 13.98 19.62 14.41
N VAL A 298 13.91 18.37 13.96
CA VAL A 298 12.98 18.03 12.89
C VAL A 298 11.67 17.75 13.62
N PHE A 299 10.70 18.63 13.43
CA PHE A 299 9.43 18.52 14.12
C PHE A 299 8.45 17.43 13.71
N ASN A 300 7.89 16.78 14.71
CA ASN A 300 6.84 15.80 14.53
C ASN A 300 6.14 15.64 15.87
N ALA A 301 4.82 15.77 15.83
CA ALA A 301 3.99 15.62 17.02
C ALA A 301 2.65 15.14 16.51
N GLY A 302 1.87 14.50 17.37
CA GLY A 302 0.57 14.03 16.96
C GLY A 302 -0.26 13.58 18.14
N THR A 303 -1.44 14.17 18.26
CA THR A 303 -2.37 13.85 19.34
C THR A 303 -2.64 12.34 19.37
N PHE A 304 -2.74 11.75 18.20
CA PHE A 304 -3.04 10.33 18.10
C PHE A 304 -1.85 9.41 17.86
N ASN A 305 -0.65 9.97 17.79
CA ASN A 305 0.56 9.16 17.58
C ASN A 305 0.60 8.05 18.62
N ALA A 306 0.88 6.82 18.19
CA ALA A 306 0.93 5.66 19.07
C ALA A 306 -0.41 5.43 19.76
N HIS A 307 -1.49 5.64 19.01
CA HIS A 307 -2.83 5.44 19.55
C HIS A 307 -2.90 4.07 20.23
N PRO A 308 -3.35 4.02 21.50
CA PRO A 308 -3.45 2.77 22.25
C PRO A 308 -4.09 1.58 21.52
N ILE A 309 -5.17 1.83 20.78
CA ILE A 309 -5.85 0.74 20.09
C ILE A 309 -5.07 0.31 18.85
N THR A 310 -4.52 1.29 18.13
CA THR A 310 -3.73 0.96 16.96
C THR A 310 -2.54 0.10 17.38
N MET A 311 -1.90 0.47 18.49
CA MET A 311 -0.75 -0.28 18.99
C MET A 311 -1.14 -1.69 19.38
N ALA A 312 -2.25 -1.84 20.11
CA ALA A 312 -2.70 -3.17 20.53
C ALA A 312 -3.07 -4.04 19.32
N ALA A 313 -3.73 -3.44 18.33
CA ALA A 313 -4.14 -4.16 17.13
C ALA A 313 -2.94 -4.58 16.30
N GLY A 314 -1.98 -3.67 16.16
CA GLY A 314 -0.78 -3.97 15.38
C GLY A 314 0.05 -5.05 16.03
N LEU A 315 0.15 -5.00 17.36
CA LEU A 315 0.94 -5.98 18.08
C LEU A 315 0.35 -7.39 17.88
N ALA A 316 -0.97 -7.50 18.04
CA ALA A 316 -1.64 -8.78 17.87
C ALA A 316 -1.51 -9.28 16.44
N THR A 317 -1.57 -8.34 15.48
CA THR A 317 -1.45 -8.69 14.06
C THR A 317 -0.09 -9.29 13.75
N LEU A 318 0.98 -8.65 14.23
CA LEU A 318 2.32 -9.16 13.97
C LEU A 318 2.55 -10.52 14.63
N LYS A 319 1.93 -10.73 15.79
CA LYS A 319 2.08 -12.02 16.45
C LYS A 319 1.45 -13.10 15.58
N ALA A 320 0.32 -12.77 14.95
CA ALA A 320 -0.36 -13.72 14.07
C ALA A 320 0.52 -14.03 12.87
N LEU A 321 1.21 -13.01 12.36
CA LEU A 321 2.09 -13.19 11.21
C LEU A 321 3.26 -14.10 11.56
N GLU A 322 3.61 -14.14 12.83
CA GLU A 322 4.72 -14.97 13.30
C GLU A 322 4.30 -16.39 13.65
N GLU A 323 3.05 -16.54 14.09
CA GLU A 323 2.54 -17.84 14.53
C GLU A 323 1.59 -18.58 13.61
N GLU A 324 0.99 -17.88 12.67
CA GLU A 324 0.05 -18.49 11.73
C GLU A 324 0.66 -18.51 10.33
N PRO A 325 0.20 -19.46 9.48
CA PRO A 325 0.72 -19.59 8.10
C PRO A 325 0.18 -18.54 7.13
N VAL A 326 0.13 -17.30 7.57
CA VAL A 326 -0.37 -16.21 6.73
C VAL A 326 0.35 -16.05 5.39
N TYR A 327 1.66 -16.02 5.42
CA TYR A 327 2.43 -15.85 4.18
C TYR A 327 2.25 -16.98 3.16
N SER A 328 2.28 -18.22 3.63
CA SER A 328 2.12 -19.36 2.73
C SER A 328 0.70 -19.38 2.16
N VAL A 329 -0.30 -19.20 3.02
CA VAL A 329 -1.69 -19.20 2.58
C VAL A 329 -1.97 -18.09 1.57
N SER A 330 -1.49 -16.88 1.89
CA SER A 330 -1.71 -15.73 1.02
C SER A 330 -1.01 -15.89 -0.33
N ARG A 331 0.20 -16.42 -0.30
CA ARG A 331 0.98 -16.66 -1.51
C ARG A 331 0.25 -17.66 -2.41
N GLU A 332 -0.21 -18.75 -1.82
CA GLU A 332 -0.91 -19.77 -2.58
C GLU A 332 -2.23 -19.26 -3.16
N ALA A 333 -2.89 -18.36 -2.43
CA ALA A 333 -4.15 -17.80 -2.90
C ALA A 333 -3.90 -16.97 -4.16
N ALA A 334 -2.90 -16.11 -4.09
CA ALA A 334 -2.55 -15.25 -5.23
C ALA A 334 -2.09 -16.11 -6.42
N LYS A 335 -1.33 -17.16 -6.13
CA LYS A 335 -0.85 -18.04 -7.18
C LYS A 335 -2.00 -18.74 -7.89
N ALA A 336 -2.99 -19.18 -7.12
CA ALA A 336 -4.15 -19.87 -7.68
C ALA A 336 -4.94 -18.93 -8.60
N LEU A 337 -5.09 -17.68 -8.17
CA LEU A 337 -5.82 -16.70 -8.98
C LEU A 337 -5.05 -16.41 -10.25
N GLU A 338 -3.74 -16.24 -10.13
CA GLU A 338 -2.88 -15.98 -11.28
C GLU A 338 -2.92 -17.13 -12.29
N GLU A 339 -2.82 -18.35 -11.78
CA GLU A 339 -2.84 -19.52 -12.68
C GLU A 339 -4.19 -19.65 -13.37
N ALA A 340 -5.26 -19.41 -12.63
CA ALA A 340 -6.61 -19.52 -13.22
C ALA A 340 -6.80 -18.49 -14.32
N ALA A 341 -6.43 -17.24 -14.06
CA ALA A 341 -6.56 -16.18 -15.05
C ALA A 341 -5.66 -16.44 -16.26
N SER A 342 -4.44 -16.90 -16.00
CA SER A 342 -3.49 -17.17 -17.07
C SER A 342 -3.98 -18.28 -17.99
N GLU A 343 -4.56 -19.34 -17.41
CA GLU A 343 -5.06 -20.44 -18.21
C GLU A 343 -6.09 -19.94 -19.21
N VAL A 344 -7.02 -19.11 -18.73
CA VAL A 344 -8.06 -18.57 -19.59
C VAL A 344 -7.51 -17.61 -20.64
N LEU A 345 -6.69 -16.66 -20.19
CA LEU A 345 -6.11 -15.67 -21.08
C LEU A 345 -5.11 -16.23 -22.11
N ASP A 346 -4.34 -17.24 -21.72
CA ASP A 346 -3.38 -17.83 -22.64
C ASP A 346 -4.07 -18.41 -23.87
N ARG A 347 -5.26 -18.96 -23.67
CA ARG A 347 -6.02 -19.55 -24.77
C ARG A 347 -6.52 -18.53 -25.78
N THR A 348 -6.73 -17.29 -25.33
CA THR A 348 -7.23 -16.24 -26.20
C THR A 348 -6.16 -15.71 -27.15
N GLY A 349 -4.89 -15.83 -26.77
CA GLY A 349 -3.83 -15.34 -27.61
C GLY A 349 -3.72 -13.82 -27.55
N LEU A 350 -4.57 -13.19 -26.75
CA LEU A 350 -4.56 -11.74 -26.62
C LEU A 350 -3.40 -11.29 -25.76
N PRO A 351 -2.81 -10.12 -26.07
CA PRO A 351 -1.68 -9.64 -25.27
C PRO A 351 -2.15 -9.29 -23.86
N TYR A 352 -1.40 -9.76 -22.87
CA TYR A 352 -1.74 -9.47 -21.48
C TYR A 352 -0.57 -9.82 -20.59
N THR A 353 -0.63 -9.36 -19.36
CA THR A 353 0.40 -9.68 -18.40
C THR A 353 -0.16 -9.56 -17.01
N ILE A 354 0.31 -10.44 -16.13
CA ILE A 354 -0.11 -10.44 -14.74
C ILE A 354 1.16 -10.30 -13.94
N ASN A 355 1.22 -9.29 -13.07
CA ASN A 355 2.39 -9.09 -12.23
C ASN A 355 1.98 -9.52 -10.83
N ARG A 356 2.78 -10.37 -10.22
CA ARG A 356 2.50 -10.84 -8.87
C ARG A 356 3.77 -10.93 -8.05
N VAL A 357 3.70 -10.47 -6.81
CA VAL A 357 4.81 -10.56 -5.88
C VAL A 357 4.11 -11.01 -4.61
N GLU A 358 4.30 -12.29 -4.28
CA GLU A 358 3.68 -12.89 -3.11
C GLU A 358 2.16 -12.74 -3.14
N SER A 359 1.62 -11.91 -2.25
CA SER A 359 0.17 -11.70 -2.12
C SER A 359 -0.40 -10.44 -2.75
N MET A 360 0.38 -9.75 -3.57
CA MET A 360 -0.11 -8.55 -4.24
C MET A 360 0.06 -8.76 -5.73
N MET A 361 -0.98 -8.46 -6.50
CA MET A 361 -0.94 -8.69 -7.94
C MET A 361 -1.97 -7.85 -8.69
N GLN A 362 -1.85 -7.86 -10.00
CA GLN A 362 -2.80 -7.16 -10.86
C GLN A 362 -2.67 -7.65 -12.28
N LEU A 363 -3.79 -7.61 -12.99
CA LEU A 363 -3.87 -8.03 -14.39
C LEU A 363 -3.88 -6.80 -15.29
N PHE A 364 -3.17 -6.90 -16.40
CA PHE A 364 -3.10 -5.81 -17.38
C PHE A 364 -3.41 -6.39 -18.75
N ILE A 365 -4.59 -6.04 -19.29
CA ILE A 365 -5.00 -6.53 -20.60
C ILE A 365 -4.56 -5.56 -21.69
N GLY A 366 -4.09 -6.11 -22.81
CA GLY A 366 -3.66 -5.26 -23.92
C GLY A 366 -2.17 -5.00 -24.02
N VAL A 367 -1.43 -5.34 -22.97
CA VAL A 367 0.01 -5.14 -22.95
C VAL A 367 0.71 -6.43 -22.53
N GLU A 368 1.83 -6.74 -23.18
CA GLU A 368 2.57 -7.96 -22.87
C GLU A 368 3.58 -7.78 -21.76
N GLU A 369 3.86 -6.54 -21.40
CA GLU A 369 4.82 -6.26 -20.34
C GLU A 369 4.49 -4.96 -19.62
N VAL A 370 4.59 -4.99 -18.29
CA VAL A 370 4.35 -3.81 -17.47
C VAL A 370 5.46 -3.73 -16.44
N SER A 371 6.47 -2.91 -16.75
CA SER A 371 7.61 -2.72 -15.87
C SER A 371 7.71 -1.28 -15.37
N ASN A 372 6.75 -0.45 -15.79
CA ASN A 372 6.70 0.95 -15.36
C ASN A 372 5.29 1.51 -15.53
N ALA A 373 5.06 2.67 -14.93
CA ALA A 373 3.75 3.32 -14.98
C ALA A 373 3.23 3.62 -16.38
N ALA A 374 4.14 4.03 -17.28
CA ALA A 374 3.74 4.34 -18.65
C ALA A 374 3.09 3.13 -19.31
N GLN A 375 3.65 1.95 -19.07
CA GLN A 375 3.10 0.72 -19.66
C GLN A 375 1.80 0.34 -18.98
N ALA A 376 1.73 0.56 -17.67
CA ALA A 376 0.52 0.23 -16.92
C ALA A 376 -0.65 1.09 -17.42
N ARG A 377 -0.37 2.34 -17.76
CA ARG A 377 -1.40 3.24 -18.25
C ARG A 377 -1.94 2.85 -19.62
N LYS A 378 -1.19 2.02 -20.33
CA LYS A 378 -1.60 1.58 -21.65
C LYS A 378 -2.53 0.37 -21.61
N ALA A 379 -2.70 -0.21 -20.43
CA ALA A 379 -3.58 -1.37 -20.26
C ALA A 379 -5.02 -0.99 -20.59
N ASP A 380 -5.79 -1.96 -21.07
CA ASP A 380 -7.19 -1.76 -21.44
C ASP A 380 -8.06 -1.49 -20.21
N LYS A 381 -8.37 -0.23 -19.95
CA LYS A 381 -9.16 0.13 -18.78
C LYS A 381 -10.62 -0.32 -18.87
N LYS A 382 -11.20 -0.24 -20.06
CA LYS A 382 -12.59 -0.65 -20.24
C LYS A 382 -12.77 -2.13 -19.93
N PHE A 383 -11.82 -2.95 -20.37
CA PHE A 383 -11.89 -4.38 -20.10
C PHE A 383 -11.84 -4.61 -18.60
N TYR A 384 -10.91 -3.95 -17.93
CA TYR A 384 -10.77 -4.10 -16.48
C TYR A 384 -12.04 -3.71 -15.73
N VAL A 385 -12.60 -2.56 -16.08
CA VAL A 385 -13.82 -2.10 -15.41
C VAL A 385 -14.94 -3.12 -15.58
N LYS A 386 -15.05 -3.70 -16.77
CA LYS A 386 -16.07 -4.71 -17.03
C LYS A 386 -15.83 -5.93 -16.16
N LEU A 387 -14.55 -6.29 -15.99
CA LEU A 387 -14.18 -7.44 -15.18
C LEU A 387 -14.53 -7.18 -13.72
N HIS A 388 -14.23 -5.98 -13.23
CA HIS A 388 -14.55 -5.61 -11.86
C HIS A 388 -16.06 -5.74 -11.63
N GLU A 389 -16.84 -5.19 -12.56
CA GLU A 389 -18.30 -5.25 -12.43
C GLU A 389 -18.85 -6.67 -12.50
N GLU A 390 -18.32 -7.48 -13.42
CA GLU A 390 -18.78 -8.86 -13.56
C GLU A 390 -18.42 -9.70 -12.34
N MET A 391 -17.22 -9.47 -11.81
CA MET A 391 -16.78 -10.21 -10.63
C MET A 391 -17.66 -9.87 -9.43
N LEU A 392 -18.01 -8.60 -9.30
CA LEU A 392 -18.86 -8.18 -8.19
C LEU A 392 -20.23 -8.81 -8.34
N ARG A 393 -20.71 -8.90 -9.57
CA ARG A 393 -22.02 -9.50 -9.84
C ARG A 393 -21.97 -10.97 -9.38
N ARG A 394 -20.79 -11.56 -9.44
CA ARG A 394 -20.59 -12.95 -9.03
C ARG A 394 -20.11 -13.09 -7.58
N GLY A 395 -20.21 -12.02 -6.82
CA GLY A 395 -19.83 -12.06 -5.42
C GLY A 395 -18.35 -12.00 -5.06
N VAL A 396 -17.54 -11.39 -5.92
CA VAL A 396 -16.11 -11.26 -5.66
C VAL A 396 -15.71 -9.80 -5.90
N PHE A 397 -15.11 -9.20 -4.89
CA PHE A 397 -14.70 -7.80 -4.93
C PHE A 397 -13.23 -7.54 -5.23
N ILE A 398 -12.95 -6.96 -6.40
CA ILE A 398 -11.59 -6.58 -6.75
C ILE A 398 -11.63 -5.07 -6.94
N ALA A 399 -10.49 -4.40 -6.82
CA ALA A 399 -10.44 -2.95 -6.96
C ALA A 399 -11.15 -2.48 -8.24
N PRO A 400 -11.89 -1.36 -8.14
CA PRO A 400 -12.61 -0.81 -9.30
C PRO A 400 -11.70 -0.14 -10.33
N SER A 401 -10.44 0.07 -9.95
CA SER A 401 -9.46 0.71 -10.82
C SER A 401 -8.34 -0.26 -11.19
N ASN A 402 -7.98 -0.27 -12.46
CA ASN A 402 -6.92 -1.15 -12.96
C ASN A 402 -5.57 -0.72 -12.36
N LEU A 403 -5.52 0.51 -11.85
CA LEU A 403 -4.28 1.02 -11.26
C LEU A 403 -4.13 0.69 -9.78
N GLU A 404 -5.12 0.00 -9.22
CA GLU A 404 -5.03 -0.41 -7.82
C GLU A 404 -4.52 -1.85 -7.85
N ALA A 405 -4.36 -2.46 -6.68
CA ALA A 405 -3.87 -3.83 -6.62
C ALA A 405 -4.88 -4.81 -6.05
N VAL A 406 -4.61 -6.09 -6.30
CA VAL A 406 -5.44 -7.17 -5.77
C VAL A 406 -4.60 -7.74 -4.63
N PHE A 407 -5.21 -7.88 -3.47
CA PHE A 407 -4.50 -8.40 -2.30
C PHE A 407 -5.14 -9.68 -1.78
N THR A 408 -4.30 -10.62 -1.36
CA THR A 408 -4.82 -11.85 -0.78
C THR A 408 -4.40 -11.88 0.68
N GLY A 409 -5.02 -12.75 1.46
CA GLY A 409 -4.70 -12.85 2.87
C GLY A 409 -5.05 -14.20 3.44
N LEU A 410 -4.88 -14.33 4.75
CA LEU A 410 -5.12 -15.58 5.47
C LEU A 410 -6.45 -16.30 5.22
N PRO A 411 -7.58 -15.56 5.15
CA PRO A 411 -8.87 -16.21 4.93
C PRO A 411 -9.12 -16.70 3.51
N HIS A 412 -8.21 -16.39 2.59
CA HIS A 412 -8.38 -16.82 1.21
C HIS A 412 -7.89 -18.25 1.02
N GLN A 413 -8.69 -19.17 1.53
CA GLN A 413 -8.41 -20.58 1.45
C GLN A 413 -9.75 -21.30 1.50
N GLY A 414 -9.75 -22.60 1.22
CA GLY A 414 -10.98 -23.36 1.25
C GLY A 414 -12.07 -22.80 0.35
N GLU A 415 -13.30 -22.80 0.85
CA GLU A 415 -14.43 -22.32 0.08
C GLU A 415 -14.29 -20.90 -0.44
N ALA A 416 -13.80 -19.99 0.40
CA ALA A 416 -13.61 -18.60 0.00
C ALA A 416 -12.73 -18.50 -1.26
N LEU A 417 -11.63 -19.24 -1.28
CA LEU A 417 -10.72 -19.22 -2.42
C LEU A 417 -11.39 -19.87 -3.64
N GLU A 418 -12.13 -20.95 -3.42
CA GLU A 418 -12.80 -21.62 -4.52
C GLU A 418 -13.76 -20.65 -5.21
N ILE A 419 -14.49 -19.87 -4.41
CA ILE A 419 -15.42 -18.90 -4.95
C ILE A 419 -14.68 -17.82 -5.74
N ALA A 420 -13.58 -17.32 -5.19
CA ALA A 420 -12.79 -16.30 -5.86
C ALA A 420 -12.24 -16.78 -7.20
N VAL A 421 -11.64 -17.97 -7.20
CA VAL A 421 -11.06 -18.53 -8.42
C VAL A 421 -12.13 -18.80 -9.47
N GLU A 422 -13.22 -19.45 -9.07
CA GLU A 422 -14.30 -19.75 -9.99
C GLU A 422 -14.90 -18.45 -10.52
N GLY A 423 -15.01 -17.47 -9.63
CA GLY A 423 -15.56 -16.18 -10.01
C GLY A 423 -14.68 -15.51 -11.05
N LEU A 424 -13.36 -15.56 -10.83
CA LEU A 424 -12.41 -14.96 -11.77
C LEU A 424 -12.48 -15.65 -13.13
N ARG A 425 -12.48 -16.98 -13.12
CA ARG A 425 -12.55 -17.74 -14.36
C ARG A 425 -13.80 -17.37 -15.17
N SER A 426 -14.97 -17.47 -14.53
CA SER A 426 -16.24 -17.17 -15.18
C SER A 426 -16.34 -15.72 -15.63
N SER A 427 -15.88 -14.80 -14.80
CA SER A 427 -15.96 -13.38 -15.15
C SER A 427 -15.09 -13.08 -16.37
N LEU A 428 -13.89 -13.66 -16.42
CA LEU A 428 -13.02 -13.44 -17.57
C LEU A 428 -13.69 -13.95 -18.84
N LYS A 429 -14.24 -15.16 -18.78
CA LYS A 429 -14.90 -15.74 -19.94
C LYS A 429 -16.08 -14.89 -20.39
N THR A 430 -16.85 -14.37 -19.43
CA THR A 430 -17.99 -13.53 -19.76
C THR A 430 -17.58 -12.25 -20.46
N VAL A 431 -16.54 -11.60 -19.95
CA VAL A 431 -16.07 -10.35 -20.53
C VAL A 431 -15.43 -10.60 -21.89
N LEU A 432 -14.69 -11.71 -21.99
CA LEU A 432 -14.03 -12.07 -23.24
C LEU A 432 -15.04 -12.46 -24.30
N GLY A 433 -16.21 -12.91 -23.86
CA GLY A 433 -17.25 -13.31 -24.79
C GLY A 433 -18.19 -12.19 -25.17
N SER A 434 -18.00 -11.02 -24.59
CA SER A 434 -18.84 -9.87 -24.89
C SER A 434 -18.21 -9.02 -25.98
N1 PMP B . 2.38 4.96 0.60
C2 PMP B . 2.03 3.85 -0.06
C2A PMP B . 3.07 2.98 -0.73
C3 PMP B . 0.66 3.48 -0.16
O3 PMP B . 0.27 2.36 -0.82
C4 PMP B . -0.30 4.30 0.46
C4A PMP B . -1.79 3.92 0.39
N4A PMP B . -2.26 3.96 -1.00
C5 PMP B . 0.11 5.46 1.17
C6 PMP B . 1.49 5.78 1.22
C5A PMP B . -0.97 6.30 1.81
O4P PMP B . -1.27 5.70 3.07
P PMP B . -2.46 6.52 3.78
O1P PMP B . -3.64 6.40 2.90
O2P PMP B . -2.77 5.84 5.20
O3P PMP B . -2.11 8.07 4.00
#